data_5LQU
#
_entry.id   5LQU
#
_cell.length_a   56.154
_cell.length_b   61.571
_cell.length_c   130.941
_cell.angle_alpha   90.000
_cell.angle_beta   90.000
_cell.angle_gamma   90.000
#
_symmetry.space_group_name_H-M   'P 21 21 21'
#
loop_
_entity.id
_entity.type
_entity.pdbx_description
1 polymer 'Catechol O-methyltransferase'
2 non-polymer N-[(E)-3-[(2R,3S,4R,5R)-5-(6-ethylaminopurin-9-yl)-3,4-dihydroxy-oxolan-2-yl]prop-2-enyl]-5-(4-fluorophenyl)-2,3-dihydroxy-benzamide
3 non-polymer 'MAGNESIUM ION'
4 non-polymer 'CHLORIDE ION'
5 non-polymer 2-[BIS-(2-HYDROXY-ETHYL)-AMINO]-2-HYDROXYMETHYL-PROPANE-1,3-DIOL
6 water water
#
_entity_poly.entity_id   1
_entity_poly.type   'polypeptide(L)'
_entity_poly.pdbx_seq_one_letter_code
;MGDTKEQRILRYVQQNAKPGDPQSVLEAIDTYCTQKEWAMNVGDAKGQIMDAVIREYSPSLVLELGAYCGYSAVRMARLL
QPGARLLTMEMNPDYAAITQQMLNFAGLQDKVTILNGASQDLIPQLKKKYDVDTLDMVFLDHWKDRYLPDTLLLEKCGLL
RKGTVLLADNVIVPGTPDFLAYVRGSSSFECTHYSSYLEYMKVVDGLEKAIYQGPSSPDKS
;
_entity_poly.pdbx_strand_id   A,B
#
loop_
_chem_comp.id
_chem_comp.type
_chem_comp.name
_chem_comp.formula
619 non-polymer N-[(E)-3-[(2R,3S,4R,5R)-5-(6-ethylaminopurin-9-yl)-3,4-dihydroxy-oxolan-2-yl]prop-2-enyl]-5-(4-fluorophenyl)-2,3-dihydroxy-benzamide 'C27 H27 F N6 O6'
BTB non-polymer 2-[BIS-(2-HYDROXY-ETHYL)-AMINO]-2-HYDROXYMETHYL-PROPANE-1,3-DIOL 'C8 H19 N O5'
CL non-polymer 'CHLORIDE ION' 'Cl -1'
MG non-polymer 'MAGNESIUM ION' 'Mg 2'
#
# COMPACT_ATOMS: atom_id res chain seq x y z
N ASP A 3 -28.83 -20.29 12.79
CA ASP A 3 -27.96 -19.06 12.75
C ASP A 3 -26.48 -19.40 12.46
N THR A 4 -25.86 -18.84 11.42
CA THR A 4 -24.52 -19.27 11.03
C THR A 4 -23.43 -18.30 11.46
N LYS A 5 -22.18 -18.77 11.43
CA LYS A 5 -21.05 -17.90 11.71
C LYS A 5 -21.08 -16.68 10.77
N GLU A 6 -21.43 -16.92 9.52
CA GLU A 6 -21.38 -15.84 8.52
C GLU A 6 -22.45 -14.81 8.84
N GLN A 7 -23.61 -15.26 9.29
CA GLN A 7 -24.64 -14.33 9.76
C GLN A 7 -24.22 -13.53 10.98
N ARG A 8 -23.49 -14.16 11.89
CA ARG A 8 -22.98 -13.49 13.09
C ARG A 8 -21.96 -12.38 12.74
N ILE A 9 -21.10 -12.66 11.78
CA ILE A 9 -20.13 -11.70 11.30
C ILE A 9 -20.81 -10.47 10.70
N LEU A 10 -21.81 -10.70 9.85
CA LEU A 10 -22.60 -9.60 9.25
C LEU A 10 -23.29 -8.77 10.30
N ARG A 11 -23.93 -9.44 11.25
CA ARG A 11 -24.63 -8.76 12.30
C ARG A 11 -23.66 -7.90 13.15
N TYR A 12 -22.47 -8.43 13.39
CA TYR A 12 -21.46 -7.71 14.14
C TYR A 12 -21.07 -6.46 13.39
N VAL A 13 -20.86 -6.56 12.07
CA VAL A 13 -20.55 -5.35 11.25
C VAL A 13 -21.71 -4.34 11.29
N GLN A 14 -22.92 -4.84 11.07
CA GLN A 14 -24.11 -4.00 11.11
C GLN A 14 -24.29 -3.26 12.44
N GLN A 15 -23.88 -3.85 13.55
CA GLN A 15 -24.10 -3.24 14.87
C GLN A 15 -22.95 -2.36 15.32
N ASN A 16 -21.76 -2.57 14.74
CA ASN A 16 -20.53 -1.91 15.19
C ASN A 16 -19.82 -1.00 14.19
N ALA A 17 -19.82 -1.34 12.90
CA ALA A 17 -19.08 -0.53 11.95
C ALA A 17 -19.83 0.78 11.63
N LYS A 18 -19.15 1.67 10.93
CA LYS A 18 -19.74 2.91 10.48
C LYS A 18 -20.33 2.75 9.09
N PRO A 19 -21.66 2.98 8.93
CA PRO A 19 -22.29 2.83 7.63
C PRO A 19 -21.59 3.66 6.54
N GLY A 20 -21.39 3.05 5.38
CA GLY A 20 -20.76 3.71 4.25
C GLY A 20 -19.26 3.95 4.38
N ASP A 21 -18.62 3.30 5.38
CA ASP A 21 -17.20 3.44 5.65
C ASP A 21 -16.53 2.07 5.45
N PRO A 22 -16.04 1.77 4.23
CA PRO A 22 -15.48 0.42 3.99
C PRO A 22 -14.35 0.00 4.94
N GLN A 23 -13.46 0.93 5.30
CA GLN A 23 -12.37 0.61 6.24
C GLN A 23 -12.93 0.15 7.59
N SER A 24 -13.98 0.80 8.06
CA SER A 24 -14.59 0.43 9.34
CA SER A 24 -14.62 0.44 9.33
C SER A 24 -15.22 -0.96 9.23
N VAL A 25 -15.69 -1.32 8.05
CA VAL A 25 -16.23 -2.67 7.85
C VAL A 25 -15.13 -3.73 7.94
N LEU A 26 -14.00 -3.47 7.30
CA LEU A 26 -12.88 -4.38 7.37
C LEU A 26 -12.41 -4.51 8.82
N GLU A 27 -12.34 -3.38 9.51
CA GLU A 27 -11.85 -3.39 10.88
C GLU A 27 -12.80 -4.20 11.75
N ALA A 28 -14.11 -4.06 11.52
CA ALA A 28 -15.10 -4.78 12.35
C ALA A 28 -14.99 -6.26 12.12
N ILE A 29 -14.91 -6.67 10.85
CA ILE A 29 -14.69 -8.10 10.56
C ILE A 29 -13.41 -8.65 11.23
N ASP A 30 -12.30 -7.94 11.13
CA ASP A 30 -11.05 -8.36 11.75
C ASP A 30 -11.19 -8.46 13.27
N THR A 31 -11.88 -7.51 13.88
CA THR A 31 -12.11 -7.54 15.33
C THR A 31 -12.94 -8.77 15.74
N TYR A 32 -14.00 -9.05 14.99
CA TYR A 32 -14.84 -10.22 15.28
C TYR A 32 -13.97 -11.49 15.21
N CYS A 33 -13.23 -11.63 14.13
CA CYS A 33 -12.43 -12.82 13.95
C CYS A 33 -11.25 -12.89 14.96
N THR A 34 -10.79 -11.76 15.46
CA THR A 34 -9.71 -11.70 16.45
C THR A 34 -10.21 -12.03 17.84
N GLN A 35 -11.44 -11.64 18.15
CA GLN A 35 -11.97 -11.79 19.50
C GLN A 35 -13.00 -12.91 19.63
N LYS A 36 -13.52 -13.41 18.52
CA LYS A 36 -14.60 -14.41 18.56
C LYS A 36 -14.25 -15.61 17.68
N GLU A 37 -14.93 -15.79 16.55
CA GLU A 37 -14.78 -16.97 15.71
C GLU A 37 -13.88 -16.70 14.51
N TRP A 38 -12.95 -17.59 14.25
CA TRP A 38 -12.11 -17.48 13.07
C TRP A 38 -12.93 -17.68 11.82
N ALA A 39 -12.57 -16.96 10.77
CA ALA A 39 -13.19 -17.17 9.47
C ALA A 39 -12.13 -16.93 8.38
N MET A 40 -12.37 -17.52 7.22
CA MET A 40 -11.40 -17.54 6.14
C MET A 40 -11.40 -16.28 5.25
N ASN A 41 -11.42 -15.12 5.86
CA ASN A 41 -11.17 -13.83 5.17
C ASN A 41 -9.65 -13.70 4.88
N VAL A 42 -9.26 -12.99 3.82
CA VAL A 42 -7.82 -12.81 3.52
CA VAL A 42 -7.83 -12.79 3.51
C VAL A 42 -7.10 -12.17 4.72
N GLY A 43 -7.79 -11.35 5.49
CA GLY A 43 -7.28 -10.80 6.73
C GLY A 43 -6.45 -9.57 6.53
N ASP A 44 -5.96 -9.02 7.64
CA ASP A 44 -5.24 -7.75 7.62
C ASP A 44 -3.85 -7.84 6.97
N ALA A 45 -3.07 -8.85 7.36
CA ALA A 45 -1.69 -8.98 6.90
C ALA A 45 -1.61 -9.16 5.37
N LYS A 46 -2.28 -10.21 4.85
CA LYS A 46 -2.35 -10.41 3.41
C LYS A 46 -3.14 -9.30 2.69
N GLY A 47 -4.11 -8.74 3.40
CA GLY A 47 -4.86 -7.61 2.93
C GLY A 47 -4.03 -6.40 2.56
N GLN A 48 -2.97 -6.14 3.32
CA GLN A 48 -2.02 -5.02 3.06
C GLN A 48 -1.36 -5.21 1.68
N ILE A 49 -1.02 -6.47 1.38
CA ILE A 49 -0.42 -6.82 0.09
C ILE A 49 -1.42 -6.65 -1.06
N MET A 50 -2.63 -7.17 -0.86
CA MET A 50 -3.71 -6.96 -1.78
C MET A 50 -3.92 -5.45 -2.07
N ASP A 51 -3.97 -4.64 -1.02
CA ASP A 51 -4.06 -3.18 -1.17
C ASP A 51 -2.95 -2.62 -2.09
N ALA A 52 -1.72 -3.06 -1.86
CA ALA A 52 -0.56 -2.53 -2.58
C ALA A 52 -0.63 -2.87 -4.06
N VAL A 53 -1.14 -4.07 -4.33
CA VAL A 53 -1.28 -4.53 -5.72
C VAL A 53 -2.38 -3.73 -6.44
N ILE A 54 -3.52 -3.55 -5.80
CA ILE A 54 -4.59 -2.75 -6.36
C ILE A 54 -4.11 -1.30 -6.63
N ARG A 55 -3.43 -0.71 -5.65
CA ARG A 55 -2.90 0.67 -5.79
C ARG A 55 -1.90 0.77 -6.94
N GLU A 56 -0.99 -0.20 -7.03
CA GLU A 56 0.03 -0.17 -8.06
C GLU A 56 -0.53 -0.27 -9.47
N TYR A 57 -1.45 -1.19 -9.69
CA TYR A 57 -1.88 -1.52 -11.05
C TYR A 57 -3.17 -0.77 -11.46
N SER A 58 -3.85 -0.13 -10.50
CA SER A 58 -5.13 0.58 -10.76
C SER A 58 -6.03 -0.10 -11.80
N PRO A 59 -6.47 -1.34 -11.54
CA PRO A 59 -7.23 -2.07 -12.55
C PRO A 59 -8.60 -1.47 -12.80
N SER A 60 -9.02 -1.42 -14.05
CA SER A 60 -10.37 -0.95 -14.39
C SER A 60 -11.45 -1.99 -14.21
N LEU A 61 -11.09 -3.26 -14.40
CA LEU A 61 -12.03 -4.35 -14.19
C LEU A 61 -11.31 -5.48 -13.46
N VAL A 62 -11.83 -5.83 -12.29
CA VAL A 62 -11.31 -6.93 -11.50
C VAL A 62 -12.36 -8.04 -11.43
N LEU A 63 -11.90 -9.29 -11.55
CA LEU A 63 -12.73 -10.46 -11.23
C LEU A 63 -12.21 -11.15 -9.97
N GLU A 64 -13.10 -11.37 -9.02
CA GLU A 64 -12.77 -12.13 -7.81
C GLU A 64 -13.46 -13.47 -7.87
N LEU A 65 -12.71 -14.54 -7.58
CA LEU A 65 -13.31 -15.88 -7.51
C LEU A 65 -13.46 -16.28 -6.05
N GLY A 66 -14.71 -16.41 -5.60
CA GLY A 66 -14.99 -16.76 -4.21
C GLY A 66 -15.23 -15.61 -3.25
N ALA A 67 -16.44 -15.11 -3.19
CA ALA A 67 -16.70 -13.92 -2.38
C ALA A 67 -16.74 -14.19 -0.86
N TYR A 68 -17.30 -15.33 -0.47
CA TYR A 68 -17.53 -15.67 0.93
C TYR A 68 -18.37 -14.60 1.64
N CYS A 69 -17.83 -13.85 2.61
CA CYS A 69 -18.59 -12.84 3.33
C CYS A 69 -18.43 -11.43 2.74
N GLY A 70 -17.63 -11.31 1.70
CA GLY A 70 -17.41 -10.04 1.01
C GLY A 70 -16.23 -9.23 1.50
N TYR A 71 -15.39 -9.79 2.36
CA TYR A 71 -14.25 -9.04 2.90
C TYR A 71 -13.30 -8.56 1.82
N SER A 72 -12.92 -9.45 0.91
CA SER A 72 -11.97 -9.10 -0.14
C SER A 72 -12.61 -8.19 -1.17
N ALA A 73 -13.90 -8.40 -1.44
CA ALA A 73 -14.65 -7.47 -2.31
C ALA A 73 -14.66 -6.05 -1.75
N VAL A 74 -14.91 -5.89 -0.45
CA VAL A 74 -14.88 -4.58 0.20
C VAL A 74 -13.46 -4.00 0.13
N ARG A 75 -12.47 -4.84 0.42
CA ARG A 75 -11.09 -4.44 0.46
C ARG A 75 -10.62 -3.90 -0.90
N MET A 76 -10.94 -4.61 -1.97
CA MET A 76 -10.51 -4.22 -3.29
C MET A 76 -11.34 -3.06 -3.80
N ALA A 77 -12.66 -3.14 -3.66
CA ALA A 77 -13.56 -2.10 -4.24
C ALA A 77 -13.28 -0.72 -3.66
N ARG A 78 -12.92 -0.66 -2.37
CA ARG A 78 -12.67 0.62 -1.71
C ARG A 78 -11.48 1.36 -2.32
N LEU A 79 -10.58 0.63 -2.98
CA LEU A 79 -9.37 1.23 -3.56
C LEU A 79 -9.44 1.43 -5.05
N LEU A 80 -10.53 0.99 -5.67
CA LEU A 80 -10.68 1.19 -7.12
C LEU A 80 -10.90 2.67 -7.48
N GLN A 81 -10.39 3.05 -8.64
CA GLN A 81 -10.52 4.43 -9.12
C GLN A 81 -11.92 4.66 -9.62
N PRO A 82 -12.36 5.94 -9.67
CA PRO A 82 -13.73 6.21 -10.12
C PRO A 82 -13.95 5.58 -11.49
N GLY A 83 -15.12 4.97 -11.70
CA GLY A 83 -15.38 4.27 -12.96
C GLY A 83 -14.98 2.80 -13.02
N ALA A 84 -13.99 2.39 -12.22
CA ALA A 84 -13.53 0.97 -12.18
C ALA A 84 -14.57 0.07 -11.52
N ARG A 85 -14.56 -1.21 -11.88
CA ARG A 85 -15.57 -2.14 -11.42
C ARG A 85 -15.01 -3.51 -10.99
N LEU A 86 -15.72 -4.16 -10.08
CA LEU A 86 -15.36 -5.49 -9.57
C LEU A 86 -16.49 -6.44 -9.83
N LEU A 87 -16.17 -7.61 -10.38
CA LEU A 87 -17.12 -8.70 -10.52
C LEU A 87 -16.67 -9.79 -9.56
N THR A 88 -17.56 -10.26 -8.70
CA THR A 88 -17.23 -11.31 -7.76
C THR A 88 -18.15 -12.51 -7.94
N MET A 89 -17.56 -13.69 -8.04
CA MET A 89 -18.30 -14.93 -8.26
C MET A 89 -18.41 -15.75 -7.00
N GLU A 90 -19.62 -16.21 -6.73
CA GLU A 90 -19.92 -16.91 -5.50
C GLU A 90 -21.02 -17.93 -5.75
N MET A 91 -20.69 -19.20 -5.51
CA MET A 91 -21.59 -20.28 -5.80
C MET A 91 -22.60 -20.53 -4.71
N ASN A 92 -22.33 -20.08 -3.48
CA ASN A 92 -23.21 -20.42 -2.38
C ASN A 92 -24.17 -19.24 -2.18
N PRO A 93 -25.48 -19.45 -2.43
CA PRO A 93 -26.40 -18.29 -2.33
C PRO A 93 -26.50 -17.65 -0.94
N ASP A 94 -26.28 -18.42 0.13
CA ASP A 94 -26.27 -17.84 1.48
C ASP A 94 -25.14 -16.84 1.64
N TYR A 95 -23.96 -17.20 1.12
CA TYR A 95 -22.82 -16.31 1.20
C TYR A 95 -22.94 -15.14 0.24
N ALA A 96 -23.52 -15.37 -0.93
CA ALA A 96 -23.77 -14.30 -1.87
C ALA A 96 -24.69 -13.23 -1.25
N ALA A 97 -25.67 -13.66 -0.47
CA ALA A 97 -26.61 -12.78 0.22
C ALA A 97 -25.89 -11.99 1.29
N ILE A 98 -25.00 -12.63 2.04
CA ILE A 98 -24.19 -11.95 3.03
C ILE A 98 -23.27 -10.93 2.37
N THR A 99 -22.59 -11.34 1.29
CA THR A 99 -21.69 -10.44 0.58
C THR A 99 -22.45 -9.17 0.12
N GLN A 100 -23.65 -9.35 -0.44
CA GLN A 100 -24.42 -8.19 -0.91
C GLN A 100 -24.74 -7.23 0.25
N GLN A 101 -25.12 -7.79 1.40
CA GLN A 101 -25.44 -6.96 2.58
C GLN A 101 -24.20 -6.25 3.11
N MET A 102 -23.04 -6.89 2.96
CA MET A 102 -21.78 -6.29 3.38
C MET A 102 -21.43 -5.11 2.49
N LEU A 103 -21.52 -5.33 1.18
CA LEU A 103 -21.26 -4.28 0.21
C LEU A 103 -22.25 -3.10 0.35
N ASN A 104 -23.52 -3.42 0.59
CA ASN A 104 -24.53 -2.39 0.79
C ASN A 104 -24.17 -1.52 1.98
N PHE A 105 -23.85 -2.15 3.10
CA PHE A 105 -23.45 -1.43 4.30
C PHE A 105 -22.22 -0.56 4.06
N ALA A 106 -21.25 -1.10 3.34
CA ALA A 106 -20.02 -0.39 3.00
C ALA A 106 -20.24 0.77 2.01
N GLY A 107 -21.39 0.79 1.36
CA GLY A 107 -21.72 1.84 0.37
C GLY A 107 -21.02 1.60 -0.96
N LEU A 108 -20.56 0.36 -1.17
CA LEU A 108 -19.81 -0.03 -2.36
C LEU A 108 -20.63 -0.77 -3.39
N GLN A 109 -21.92 -0.89 -3.18
CA GLN A 109 -22.76 -1.70 -4.05
C GLN A 109 -22.75 -1.28 -5.53
N ASP A 110 -22.50 -0.01 -5.83
CA ASP A 110 -22.50 0.40 -7.23
C ASP A 110 -21.18 0.10 -7.94
N LYS A 111 -20.13 -0.31 -7.20
CA LYS A 111 -18.82 -0.63 -7.80
C LYS A 111 -18.67 -2.13 -8.04
N VAL A 112 -19.55 -2.93 -7.44
CA VAL A 112 -19.40 -4.38 -7.40
C VAL A 112 -20.63 -5.09 -7.92
N THR A 113 -20.42 -6.09 -8.75
CA THR A 113 -21.52 -6.96 -9.15
C THR A 113 -21.23 -8.39 -8.69
N ILE A 114 -22.14 -8.95 -7.92
CA ILE A 114 -22.06 -10.33 -7.51
C ILE A 114 -22.69 -11.19 -8.61
N LEU A 115 -21.93 -12.18 -9.03
CA LEU A 115 -22.38 -13.16 -10.00
C LEU A 115 -22.64 -14.47 -9.29
N ASN A 116 -23.86 -14.99 -9.39
CA ASN A 116 -24.26 -16.18 -8.64
C ASN A 116 -24.00 -17.43 -9.43
N GLY A 117 -23.19 -18.31 -8.87
CA GLY A 117 -22.90 -19.58 -9.50
C GLY A 117 -21.43 -19.94 -9.38
N ALA A 118 -21.11 -21.10 -9.93
CA ALA A 118 -19.75 -21.60 -9.92
C ALA A 118 -18.97 -20.94 -11.05
N SER A 119 -17.76 -20.58 -10.75
CA SER A 119 -16.84 -20.02 -11.72
C SER A 119 -16.79 -20.75 -13.07
N GLN A 120 -16.70 -22.08 -13.06
CA GLN A 120 -16.59 -22.82 -14.33
C GLN A 120 -17.79 -22.58 -15.26
N ASP A 121 -18.94 -22.24 -14.69
CA ASP A 121 -20.15 -21.94 -15.47
C ASP A 121 -20.32 -20.46 -15.82
N LEU A 122 -19.84 -19.57 -14.93
CA LEU A 122 -19.91 -18.13 -15.19
C LEU A 122 -18.81 -17.59 -16.10
N ILE A 123 -17.61 -18.12 -15.95
CA ILE A 123 -16.50 -17.58 -16.72
C ILE A 123 -16.78 -17.59 -18.23
N PRO A 124 -17.34 -18.70 -18.75
CA PRO A 124 -17.60 -18.74 -20.21
C PRO A 124 -18.71 -17.81 -20.68
N GLN A 125 -19.47 -17.22 -19.74
CA GLN A 125 -20.52 -16.26 -20.08
C GLN A 125 -20.10 -14.80 -19.99
N LEU A 126 -18.92 -14.53 -19.46
CA LEU A 126 -18.53 -13.15 -19.21
C LEU A 126 -18.57 -12.26 -20.47
N LYS A 127 -18.10 -12.75 -21.61
CA LYS A 127 -18.08 -11.91 -22.82
C LYS A 127 -19.47 -11.60 -23.35
N LYS A 128 -20.26 -12.64 -23.54
CA LYS A 128 -21.61 -12.44 -24.06
C LYS A 128 -22.50 -11.78 -23.05
N LYS A 129 -22.78 -12.50 -21.97
CA LYS A 129 -23.78 -12.07 -21.01
C LYS A 129 -23.41 -10.81 -20.25
N TYR A 130 -22.14 -10.65 -19.90
CA TYR A 130 -21.73 -9.56 -19.00
C TYR A 130 -20.83 -8.51 -19.67
N ASP A 131 -20.73 -8.60 -20.99
CA ASP A 131 -20.06 -7.58 -21.81
C ASP A 131 -18.60 -7.29 -21.40
N VAL A 132 -17.86 -8.34 -21.06
CA VAL A 132 -16.45 -8.17 -20.74
C VAL A 132 -15.63 -8.39 -21.99
N ASP A 133 -14.60 -7.58 -22.16
CA ASP A 133 -13.62 -7.82 -23.21
C ASP A 133 -12.47 -8.60 -22.58
N THR A 134 -11.60 -7.93 -21.84
CA THR A 134 -10.58 -8.63 -21.06
C THR A 134 -10.51 -8.08 -19.62
N LEU A 135 -9.96 -8.89 -18.73
CA LEU A 135 -9.84 -8.53 -17.33
C LEU A 135 -8.50 -7.89 -17.05
N ASP A 136 -8.46 -6.95 -16.12
CA ASP A 136 -7.19 -6.34 -15.74
C ASP A 136 -6.56 -7.03 -14.55
N MET A 137 -7.41 -7.59 -13.69
CA MET A 137 -6.92 -8.31 -12.51
C MET A 137 -7.88 -9.41 -12.15
N VAL A 138 -7.32 -10.51 -11.65
CA VAL A 138 -8.09 -11.61 -11.12
C VAL A 138 -7.58 -11.96 -9.72
N PHE A 139 -8.48 -12.03 -8.75
CA PHE A 139 -8.14 -12.47 -7.40
C PHE A 139 -8.73 -13.87 -7.22
N LEU A 140 -7.87 -14.84 -6.88
CA LEU A 140 -8.30 -16.24 -6.72
C LEU A 140 -8.30 -16.60 -5.24
N ASP A 141 -9.46 -16.98 -4.69
CA ASP A 141 -9.56 -17.30 -3.26
C ASP A 141 -10.72 -18.26 -3.00
N HIS A 142 -10.98 -19.13 -3.96
CA HIS A 142 -12.08 -20.09 -3.88
C HIS A 142 -11.50 -21.47 -3.55
N TRP A 143 -12.12 -22.58 -3.99
CA TRP A 143 -11.60 -23.91 -3.65
CA TRP A 143 -11.59 -23.90 -3.63
C TRP A 143 -10.20 -24.02 -4.28
N LYS A 144 -9.24 -24.50 -3.50
CA LYS A 144 -7.84 -24.46 -3.89
C LYS A 144 -7.47 -25.36 -5.06
N ASP A 145 -8.19 -26.44 -5.25
CA ASP A 145 -7.96 -27.30 -6.42
C ASP A 145 -8.57 -26.74 -7.71
N ARG A 146 -9.26 -25.60 -7.62
CA ARG A 146 -9.86 -24.98 -8.79
C ARG A 146 -9.07 -23.79 -9.33
N TYR A 147 -8.00 -23.38 -8.65
CA TYR A 147 -7.21 -22.27 -9.15
C TYR A 147 -6.63 -22.60 -10.51
N LEU A 148 -6.00 -23.78 -10.64
CA LEU A 148 -5.41 -24.15 -11.94
C LEU A 148 -6.45 -24.30 -13.05
N PRO A 149 -7.51 -25.08 -12.85
CA PRO A 149 -8.53 -25.21 -13.88
C PRO A 149 -9.15 -23.90 -14.31
N ASP A 150 -9.45 -23.03 -13.35
CA ASP A 150 -10.01 -21.72 -13.73
C ASP A 150 -9.02 -20.81 -14.45
N THR A 151 -7.72 -20.89 -14.12
CA THR A 151 -6.73 -20.09 -14.80
C THR A 151 -6.72 -20.48 -16.26
N LEU A 152 -6.77 -21.80 -16.50
CA LEU A 152 -6.76 -22.33 -17.86
C LEU A 152 -8.04 -21.97 -18.62
N LEU A 153 -9.15 -21.96 -17.92
CA LEU A 153 -10.44 -21.55 -18.52
C LEU A 153 -10.45 -20.07 -18.92
N LEU A 154 -9.94 -19.21 -18.03
CA LEU A 154 -9.77 -17.79 -18.33
C LEU A 154 -8.94 -17.59 -19.60
N GLU A 155 -7.83 -18.32 -19.74
CA GLU A 155 -7.00 -18.22 -20.95
C GLU A 155 -7.76 -18.65 -22.17
N LYS A 156 -8.42 -19.80 -22.07
CA LYS A 156 -9.16 -20.42 -23.16
C LYS A 156 -10.26 -19.51 -23.69
N CYS A 157 -10.94 -18.85 -22.76
CA CYS A 157 -12.01 -17.91 -23.09
C CYS A 157 -11.55 -16.54 -23.58
N GLY A 158 -10.24 -16.29 -23.58
CA GLY A 158 -9.69 -15.02 -24.09
C GLY A 158 -9.90 -13.82 -23.18
N LEU A 159 -9.97 -14.09 -21.88
CA LEU A 159 -10.29 -13.06 -20.88
C LEU A 159 -9.05 -12.39 -20.27
N LEU A 160 -7.87 -12.93 -20.57
CA LEU A 160 -6.63 -12.40 -20.07
C LEU A 160 -5.93 -11.68 -21.20
N ARG A 161 -5.29 -10.56 -20.85
CA ARG A 161 -4.44 -9.88 -21.78
C ARG A 161 -3.03 -9.70 -21.22
N LYS A 162 -2.12 -9.24 -22.07
CA LYS A 162 -0.76 -9.00 -21.64
C LYS A 162 -0.79 -7.97 -20.53
N GLY A 163 -0.31 -8.35 -19.35
CA GLY A 163 -0.28 -7.47 -18.18
C GLY A 163 -1.43 -7.69 -17.21
N THR A 164 -2.35 -8.60 -17.54
CA THR A 164 -3.37 -8.95 -16.57
C THR A 164 -2.68 -9.56 -15.36
N VAL A 165 -3.05 -9.08 -14.17
CA VAL A 165 -2.47 -9.53 -12.91
C VAL A 165 -3.37 -10.58 -12.28
N LEU A 166 -2.83 -11.77 -12.02
CA LEU A 166 -3.54 -12.73 -11.21
C LEU A 166 -2.92 -12.65 -9.83
N LEU A 167 -3.77 -12.59 -8.81
CA LEU A 167 -3.32 -12.59 -7.43
C LEU A 167 -4.04 -13.71 -6.71
N ALA A 168 -3.27 -14.66 -6.18
CA ALA A 168 -3.84 -15.88 -5.63
C ALA A 168 -3.53 -15.99 -4.14
N ASP A 169 -4.57 -16.20 -3.31
CA ASP A 169 -4.43 -16.36 -1.85
C ASP A 169 -4.10 -17.81 -1.51
N ASN A 170 -3.48 -18.03 -0.38
CA ASN A 170 -3.37 -19.37 0.20
C ASN A 170 -2.45 -20.30 -0.61
N VAL A 171 -1.45 -19.74 -1.28
CA VAL A 171 -0.61 -20.61 -2.12
C VAL A 171 0.32 -21.49 -1.27
N ILE A 172 0.47 -21.16 0.02
CA ILE A 172 1.23 -22.03 0.95
C ILE A 172 0.34 -22.87 1.88
N VAL A 173 -0.65 -22.22 2.49
CA VAL A 173 -1.58 -22.87 3.41
C VAL A 173 -3.00 -22.38 3.07
N PRO A 174 -3.91 -23.31 2.69
CA PRO A 174 -3.69 -24.76 2.56
C PRO A 174 -2.76 -25.19 1.45
N GLY A 175 -2.46 -24.27 0.50
CA GLY A 175 -1.55 -24.56 -0.61
C GLY A 175 -2.27 -24.79 -1.91
N THR A 176 -1.63 -24.33 -2.99
CA THR A 176 -2.10 -24.51 -4.36
C THR A 176 -0.89 -24.97 -5.19
N PRO A 177 -0.36 -26.16 -4.87
CA PRO A 177 0.88 -26.53 -5.50
C PRO A 177 0.78 -26.67 -7.01
N ASP A 178 -0.35 -27.14 -7.53
CA ASP A 178 -0.45 -27.29 -8.99
C ASP A 178 -0.54 -25.95 -9.69
N PHE A 179 -1.30 -25.03 -9.12
CA PHE A 179 -1.34 -23.67 -9.60
C PHE A 179 0.07 -23.09 -9.67
N LEU A 180 0.81 -23.18 -8.57
CA LEU A 180 2.16 -22.61 -8.52
C LEU A 180 3.08 -23.24 -9.57
N ALA A 181 3.03 -24.56 -9.71
CA ALA A 181 3.89 -25.23 -10.70
C ALA A 181 3.58 -24.72 -12.10
N TYR A 182 2.30 -24.51 -12.38
CA TYR A 182 1.88 -23.99 -13.68
C TYR A 182 2.32 -22.54 -13.94
N VAL A 183 1.95 -21.59 -13.08
CA VAL A 183 2.29 -20.20 -13.36
C VAL A 183 3.81 -19.97 -13.31
N ARG A 184 4.50 -20.67 -12.42
CA ARG A 184 5.94 -20.51 -12.32
C ARG A 184 6.66 -21.20 -13.47
N GLY A 185 6.13 -22.32 -13.96
CA GLY A 185 6.74 -23.02 -15.09
C GLY A 185 6.42 -22.46 -16.46
N SER A 186 5.26 -21.83 -16.60
CA SER A 186 4.74 -21.41 -17.89
C SER A 186 5.40 -20.12 -18.34
N SER A 187 5.86 -20.09 -19.59
CA SER A 187 6.35 -18.85 -20.17
C SER A 187 5.24 -17.79 -20.29
N SER A 188 3.98 -18.17 -20.16
CA SER A 188 2.87 -17.22 -20.19
C SER A 188 2.71 -16.35 -18.93
N PHE A 189 3.43 -16.62 -17.85
CA PHE A 189 3.32 -15.80 -16.63
C PHE A 189 4.66 -15.40 -16.07
N GLU A 190 4.77 -14.16 -15.58
CA GLU A 190 5.89 -13.74 -14.74
C GLU A 190 5.40 -13.59 -13.30
N CYS A 191 6.05 -14.30 -12.39
CA CYS A 191 5.56 -14.51 -11.03
C CYS A 191 6.40 -13.83 -9.95
N THR A 192 5.70 -13.37 -8.90
CA THR A 192 6.32 -12.83 -7.68
C THR A 192 5.62 -13.46 -6.49
N HIS A 193 6.37 -13.94 -5.51
CA HIS A 193 5.76 -14.47 -4.30
C HIS A 193 5.81 -13.43 -3.18
N TYR A 194 4.70 -13.29 -2.47
CA TYR A 194 4.60 -12.38 -1.32
C TYR A 194 4.35 -13.20 -0.04
N SER A 195 5.39 -13.44 0.72
CA SER A 195 5.24 -14.18 1.96
C SER A 195 4.58 -13.28 3.02
N SER A 196 3.66 -13.85 3.77
CA SER A 196 2.91 -13.14 4.79
C SER A 196 2.42 -14.16 5.81
N TYR A 197 1.24 -13.93 6.38
CA TYR A 197 0.70 -14.79 7.41
C TYR A 197 -0.75 -15.08 7.12
N LEU A 198 -1.14 -16.30 7.47
CA LEU A 198 -2.54 -16.70 7.45
C LEU A 198 -3.36 -15.75 8.33
N GLU A 199 -4.55 -15.44 7.84
CA GLU A 199 -5.48 -14.57 8.52
C GLU A 199 -5.69 -14.92 9.99
N TYR A 200 -5.48 -13.92 10.83
CA TYR A 200 -5.75 -13.96 12.26
C TYR A 200 -4.83 -14.85 13.08
N MET A 201 -3.70 -15.26 12.51
CA MET A 201 -2.72 -16.05 13.26
C MET A 201 -1.33 -15.82 12.68
N LYS A 202 -0.34 -16.60 13.14
CA LYS A 202 1.05 -16.41 12.73
C LYS A 202 1.59 -17.58 11.93
N VAL A 203 0.71 -18.38 11.32
CA VAL A 203 1.12 -19.40 10.38
C VAL A 203 1.59 -18.72 9.09
N VAL A 204 2.74 -19.13 8.56
CA VAL A 204 3.24 -18.50 7.35
C VAL A 204 2.34 -18.93 6.19
N ASP A 205 1.88 -17.94 5.41
CA ASP A 205 1.17 -18.23 4.17
C ASP A 205 1.59 -17.13 3.24
N GLY A 206 1.16 -17.21 1.99
CA GLY A 206 1.55 -16.20 1.02
C GLY A 206 0.60 -16.05 -0.16
N LEU A 207 0.80 -14.98 -0.91
CA LEU A 207 0.07 -14.73 -2.14
C LEU A 207 1.05 -14.91 -3.29
N GLU A 208 0.56 -15.32 -4.43
CA GLU A 208 1.37 -15.31 -5.63
C GLU A 208 0.77 -14.28 -6.60
N LYS A 209 1.61 -13.43 -7.14
CA LYS A 209 1.23 -12.54 -8.21
C LYS A 209 1.79 -13.13 -9.51
N ALA A 210 0.91 -13.39 -10.48
CA ALA A 210 1.32 -13.99 -11.75
C ALA A 210 0.76 -13.09 -12.84
N ILE A 211 1.66 -12.44 -13.56
CA ILE A 211 1.25 -11.49 -14.59
C ILE A 211 1.28 -12.20 -15.93
N TYR A 212 0.13 -12.25 -16.58
CA TYR A 212 -0.01 -12.89 -17.89
C TYR A 212 0.82 -12.12 -18.94
N GLN A 213 1.50 -12.87 -19.80
CA GLN A 213 2.38 -12.28 -20.82
C GLN A 213 1.84 -12.34 -22.24
N GLY A 214 0.66 -12.92 -22.42
CA GLY A 214 0.20 -13.32 -23.77
C GLY A 214 0.50 -14.80 -24.00
N PRO A 215 -0.13 -15.41 -25.03
CA PRO A 215 0.05 -16.83 -25.40
C PRO A 215 1.31 -17.09 -26.22
N GLY B 2 27.59 -0.52 24.26
CA GLY B 2 26.90 -1.47 23.35
C GLY B 2 26.34 -0.75 22.14
N ASP B 3 25.66 -1.48 21.26
CA ASP B 3 25.19 -0.87 20.02
C ASP B 3 23.82 -0.23 20.23
N THR B 4 23.40 0.51 19.22
CA THR B 4 22.14 1.20 19.25
C THR B 4 21.10 0.47 18.42
N LYS B 5 19.83 0.77 18.65
CA LYS B 5 18.76 0.22 17.84
C LYS B 5 18.97 0.43 16.34
N GLU B 6 19.43 1.63 15.99
CA GLU B 6 19.58 1.99 14.59
C GLU B 6 20.69 1.17 13.94
N GLN B 7 21.80 0.97 14.64
CA GLN B 7 22.84 0.00 14.19
C GLN B 7 22.29 -1.43 14.05
N ARG B 8 21.41 -1.84 14.97
CA ARG B 8 20.79 -3.17 14.90
C ARG B 8 19.88 -3.35 13.69
N ILE B 9 19.08 -2.33 13.40
CA ILE B 9 18.26 -2.29 12.17
C ILE B 9 19.12 -2.44 10.91
N LEU B 10 20.18 -1.64 10.84
CA LEU B 10 21.06 -1.68 9.66
C LEU B 10 21.67 -3.06 9.47
N ARG B 11 22.16 -3.61 10.57
CA ARG B 11 22.82 -4.92 10.52
C ARG B 11 21.83 -5.99 10.05
N TYR B 12 20.58 -5.92 10.51
CA TYR B 12 19.56 -6.87 10.08
C TYR B 12 19.32 -6.76 8.56
N VAL B 13 19.21 -5.54 8.05
CA VAL B 13 19.07 -5.34 6.61
C VAL B 13 20.25 -5.98 5.88
N GLN B 14 21.45 -5.65 6.33
CA GLN B 14 22.66 -6.11 5.68
C GLN B 14 22.74 -7.62 5.65
N GLN B 15 22.28 -8.26 6.71
CA GLN B 15 22.34 -9.72 6.84
C GLN B 15 21.22 -10.45 6.09
N ASN B 16 20.12 -9.76 5.79
CA ASN B 16 18.87 -10.42 5.34
C ASN B 16 18.27 -9.94 4.00
N ALA B 17 18.44 -8.66 3.69
CA ALA B 17 17.93 -8.12 2.44
C ALA B 17 18.83 -8.48 1.27
N LYS B 18 18.26 -8.40 0.07
CA LYS B 18 18.99 -8.63 -1.18
CA LYS B 18 18.99 -8.63 -1.17
C LYS B 18 19.72 -7.34 -1.57
N PRO B 19 21.06 -7.43 -1.74
CA PRO B 19 21.83 -6.27 -2.19
C PRO B 19 21.28 -5.65 -3.46
N GLY B 20 21.21 -4.32 -3.48
CA GLY B 20 20.75 -3.59 -4.63
C GLY B 20 19.26 -3.70 -4.91
N ASP B 21 18.46 -4.15 -3.94
CA ASP B 21 17.03 -4.33 -4.12
C ASP B 21 16.29 -3.48 -3.07
N PRO B 22 15.85 -2.26 -3.47
CA PRO B 22 15.23 -1.40 -2.45
C PRO B 22 14.00 -1.99 -1.78
N GLN B 23 13.18 -2.71 -2.53
CA GLN B 23 11.97 -3.32 -1.97
C GLN B 23 12.34 -4.32 -0.87
N SER B 24 13.42 -5.07 -1.09
CA SER B 24 13.87 -6.05 -0.11
C SER B 24 14.35 -5.37 1.17
N VAL B 25 15.05 -4.26 0.99
CA VAL B 25 15.51 -3.43 2.09
C VAL B 25 14.32 -2.90 2.93
N LEU B 26 13.31 -2.33 2.27
CA LEU B 26 12.13 -1.85 3.02
C LEU B 26 11.46 -2.96 3.83
N GLU B 27 11.27 -4.10 3.19
CA GLU B 27 10.58 -5.21 3.82
C GLU B 27 11.36 -5.72 5.01
N ALA B 28 12.69 -5.68 4.92
CA ALA B 28 13.55 -6.13 6.01
C ALA B 28 13.46 -5.18 7.21
N ILE B 29 13.42 -3.88 6.93
CA ILE B 29 13.25 -2.88 8.00
C ILE B 29 11.91 -3.08 8.68
N ASP B 30 10.85 -3.21 7.91
CA ASP B 30 9.51 -3.37 8.47
C ASP B 30 9.36 -4.70 9.25
N THR B 31 9.98 -5.77 8.73
CA THR B 31 9.96 -7.05 9.44
C THR B 31 10.68 -6.98 10.79
N TYR B 32 11.87 -6.40 10.81
CA TYR B 32 12.61 -6.24 12.04
C TYR B 32 11.84 -5.38 13.04
N CYS B 33 11.29 -4.27 12.55
CA CYS B 33 10.62 -3.33 13.42
C CYS B 33 9.27 -3.85 13.91
N THR B 34 8.66 -4.77 13.18
CA THR B 34 7.40 -5.40 13.64
C THR B 34 7.67 -6.52 14.62
N GLN B 35 8.74 -7.28 14.40
CA GLN B 35 8.96 -8.51 15.15
C GLN B 35 9.92 -8.37 16.31
N LYS B 36 10.90 -7.48 16.19
CA LYS B 36 11.94 -7.36 17.22
C LYS B 36 11.92 -6.02 17.94
N GLU B 37 12.02 -4.91 17.21
CA GLU B 37 12.17 -3.60 17.84
C GLU B 37 11.45 -2.48 17.12
N TRP B 38 10.43 -1.92 17.75
CA TRP B 38 9.71 -0.77 17.16
C TRP B 38 10.66 0.39 16.88
N ALA B 39 10.49 1.05 15.74
CA ALA B 39 11.23 2.26 15.44
C ALA B 39 10.38 3.22 14.61
N MET B 40 10.71 4.50 14.65
CA MET B 40 9.89 5.53 14.02
C MET B 40 10.06 5.68 12.50
N ASN B 41 10.02 4.56 11.78
CA ASN B 41 9.95 4.57 10.31
C ASN B 41 8.52 4.78 9.91
N VAL B 42 8.28 5.30 8.71
CA VAL B 42 6.91 5.50 8.27
C VAL B 42 6.12 4.18 8.23
N GLY B 43 6.79 3.09 7.85
CA GLY B 43 6.17 1.77 7.75
C GLY B 43 5.36 1.59 6.48
N ASP B 44 4.90 0.38 6.24
CA ASP B 44 4.29 0.10 4.96
C ASP B 44 2.88 0.67 4.76
N ALA B 45 2.11 0.77 5.82
CA ALA B 45 0.72 1.20 5.67
C ALA B 45 0.69 2.66 5.18
N LYS B 46 1.36 3.54 5.91
CA LYS B 46 1.52 4.92 5.45
C LYS B 46 2.49 5.01 4.25
N GLY B 47 3.42 4.08 4.14
CA GLY B 47 4.32 4.01 2.99
C GLY B 47 3.58 3.84 1.67
N GLN B 48 2.45 3.15 1.69
CA GLN B 48 1.63 2.97 0.48
C GLN B 48 1.03 4.30 0.01
N ILE B 49 0.75 5.19 0.96
CA ILE B 49 0.27 6.53 0.62
C ILE B 49 1.39 7.34 0.00
N MET B 50 2.57 7.26 0.58
CA MET B 50 3.75 7.90 0.02
CA MET B 50 3.75 7.90 0.03
C MET B 50 3.98 7.46 -1.42
N ASP B 51 3.92 6.14 -1.64
CA ASP B 51 4.10 5.57 -2.97
C ASP B 51 3.11 6.18 -3.97
N ALA B 52 1.84 6.29 -3.54
CA ALA B 52 0.76 6.80 -4.36
C ALA B 52 0.96 8.26 -4.73
N VAL B 53 1.45 9.06 -3.79
CA VAL B 53 1.72 10.48 -4.05
C VAL B 53 2.90 10.61 -5.05
N ILE B 54 3.95 9.85 -4.84
CA ILE B 54 5.10 9.86 -5.74
C ILE B 54 4.71 9.44 -7.16
N ARG B 55 3.89 8.38 -7.27
CA ARG B 55 3.47 7.90 -8.57
C ARG B 55 2.58 8.92 -9.31
N GLU B 56 1.70 9.60 -8.57
CA GLU B 56 0.75 10.55 -9.16
C GLU B 56 1.45 11.77 -9.72
N TYR B 57 2.38 12.32 -8.93
CA TYR B 57 3.07 13.56 -9.29
C TYR B 57 4.41 13.38 -10.00
N SER B 58 4.97 12.17 -9.99
CA SER B 58 6.36 11.92 -10.44
C SER B 58 7.31 13.11 -10.37
N PRO B 59 7.62 13.55 -9.15
CA PRO B 59 8.48 14.69 -9.00
C PRO B 59 9.91 14.45 -9.51
N SER B 60 10.52 15.50 -10.03
CA SER B 60 11.91 15.46 -10.46
C SER B 60 12.89 15.89 -9.36
N LEU B 61 12.38 16.66 -8.40
CA LEU B 61 13.21 17.15 -7.27
C LEU B 61 12.39 17.07 -6.00
N VAL B 62 12.79 16.16 -5.11
CA VAL B 62 12.13 15.98 -3.80
C VAL B 62 13.07 16.41 -2.66
N LEU B 63 12.56 17.19 -1.71
CA LEU B 63 13.26 17.43 -0.43
C LEU B 63 12.60 16.64 0.70
N GLU B 64 13.40 15.90 1.46
CA GLU B 64 12.94 15.19 2.65
C GLU B 64 13.58 15.82 3.89
N LEU B 65 12.76 16.11 4.88
CA LEU B 65 13.20 16.69 6.14
C LEU B 65 13.15 15.57 7.17
N GLY B 66 14.34 15.16 7.60
CA GLY B 66 14.56 14.10 8.57
C GLY B 66 14.78 12.75 7.88
N ALA B 67 15.94 12.13 8.05
CA ALA B 67 16.20 10.86 7.36
C ALA B 67 16.06 9.67 8.30
N TYR B 68 16.50 9.85 9.54
CA TYR B 68 16.54 8.78 10.53
C TYR B 68 17.37 7.59 10.02
N CYS B 69 16.74 6.43 9.76
CA CYS B 69 17.47 5.25 9.29
C CYS B 69 17.41 5.07 7.79
N GLY B 70 16.75 5.97 7.10
CA GLY B 70 16.73 5.97 5.64
C GLY B 70 15.52 5.31 5.00
N TYR B 71 14.57 4.86 5.81
CA TYR B 71 13.39 4.16 5.27
C TYR B 71 12.62 4.99 4.23
N SER B 72 12.31 6.25 4.55
CA SER B 72 11.60 7.13 3.65
C SER B 72 12.39 7.46 2.39
N ALA B 73 13.69 7.66 2.55
CA ALA B 73 14.57 7.91 1.42
C ALA B 73 14.62 6.72 0.46
N VAL B 74 14.77 5.50 0.99
CA VAL B 74 14.66 4.29 0.16
C VAL B 74 13.28 4.16 -0.49
N ARG B 75 12.22 4.39 0.29
CA ARG B 75 10.86 4.23 -0.20
C ARG B 75 10.57 5.17 -1.40
N MET B 76 10.96 6.43 -1.28
CA MET B 76 10.69 7.41 -2.32
C MET B 76 11.62 7.23 -3.52
N ALA B 77 12.93 7.08 -3.25
CA ALA B 77 13.94 7.08 -4.32
C ALA B 77 13.76 5.87 -5.26
N ARG B 78 13.21 4.77 -4.75
CA ARG B 78 12.93 3.58 -5.61
C ARG B 78 11.87 3.82 -6.70
N LEU B 79 11.00 4.82 -6.50
CA LEU B 79 9.92 5.12 -7.44
C LEU B 79 10.20 6.37 -8.30
N LEU B 80 11.32 7.04 -8.06
CA LEU B 80 11.68 8.22 -8.85
C LEU B 80 12.08 7.79 -10.26
N GLN B 81 11.67 8.59 -11.24
CA GLN B 81 12.09 8.41 -12.64
C GLN B 81 13.58 8.64 -12.84
N PRO B 82 14.16 8.10 -13.93
CA PRO B 82 15.59 8.32 -14.12
C PRO B 82 15.92 9.80 -14.22
N GLY B 83 17.04 10.20 -13.63
CA GLY B 83 17.45 11.58 -13.58
C GLY B 83 16.84 12.41 -12.43
N ALA B 84 15.77 11.93 -11.82
CA ALA B 84 15.16 12.63 -10.67
C ALA B 84 16.08 12.51 -9.46
N ARG B 85 15.90 13.41 -8.49
CA ARG B 85 16.83 13.58 -7.37
C ARG B 85 16.06 13.77 -6.07
N LEU B 86 16.48 13.09 -5.01
CA LEU B 86 16.00 13.31 -3.63
C LEU B 86 17.12 13.94 -2.83
N LEU B 87 16.83 15.06 -2.18
CA LEU B 87 17.76 15.67 -1.22
C LEU B 87 17.17 15.41 0.16
N THR B 88 17.96 14.87 1.07
CA THR B 88 17.45 14.55 2.40
C THR B 88 18.30 15.21 3.47
N MET B 89 17.65 16.02 4.31
CA MET B 89 18.33 16.75 5.37
C MET B 89 18.23 15.99 6.68
N GLU B 90 19.37 15.82 7.35
CA GLU B 90 19.45 15.08 8.60
C GLU B 90 20.55 15.72 9.45
N MET B 91 20.19 16.14 10.66
CA MET B 91 21.11 16.87 11.51
C MET B 91 21.95 15.97 12.41
N ASN B 92 21.52 14.72 12.60
CA ASN B 92 22.21 13.74 13.44
C ASN B 92 23.21 12.96 12.59
N PRO B 93 24.52 13.19 12.79
CA PRO B 93 25.47 12.50 11.89
C PRO B 93 25.51 10.97 11.97
N ASP B 94 25.15 10.42 13.13
CA ASP B 94 25.05 8.99 13.27
C ASP B 94 23.88 8.42 12.45
N TYR B 95 22.74 9.11 12.49
CA TYR B 95 21.60 8.71 11.65
C TYR B 95 21.89 8.91 10.15
N ALA B 96 22.58 10.00 9.82
CA ALA B 96 22.99 10.28 8.43
C ALA B 96 23.86 9.16 7.89
N ALA B 97 24.77 8.68 8.72
CA ALA B 97 25.67 7.58 8.37
C ALA B 97 24.91 6.27 8.18
N ILE B 98 23.94 5.98 9.07
CA ILE B 98 23.08 4.81 8.86
C ILE B 98 22.29 4.95 7.53
N THR B 99 21.72 6.12 7.31
CA THR B 99 20.95 6.36 6.09
C THR B 99 21.80 6.13 4.83
N GLN B 100 23.01 6.63 4.84
CA GLN B 100 23.89 6.41 3.70
C GLN B 100 24.18 4.91 3.48
N GLN B 101 24.40 4.16 4.54
CA GLN B 101 24.66 2.71 4.40
C GLN B 101 23.43 2.03 3.83
N MET B 102 22.28 2.45 4.31
CA MET B 102 21.01 1.92 3.82
C MET B 102 20.82 2.16 2.33
N LEU B 103 21.08 3.38 1.89
CA LEU B 103 20.92 3.74 0.48
C LEU B 103 21.94 2.96 -0.38
N ASN B 104 23.19 2.91 0.10
CA ASN B 104 24.26 2.16 -0.57
C ASN B 104 23.85 0.71 -0.77
N PHE B 105 23.39 0.08 0.31
CA PHE B 105 22.99 -1.31 0.24
C PHE B 105 21.84 -1.49 -0.79
N ALA B 106 20.89 -0.57 -0.80
CA ALA B 106 19.76 -0.61 -1.70
C ALA B 106 20.12 -0.30 -3.15
N GLY B 107 21.32 0.21 -3.41
CA GLY B 107 21.75 0.61 -4.77
C GLY B 107 21.22 1.98 -5.21
N LEU B 108 20.81 2.80 -4.23
CA LEU B 108 20.19 4.11 -4.50
C LEU B 108 21.09 5.33 -4.31
N GLN B 109 22.35 5.06 -4.00
CA GLN B 109 23.33 6.12 -3.76
CA GLN B 109 23.38 6.10 -3.77
C GLN B 109 23.32 7.24 -4.81
N ASP B 110 23.08 6.93 -6.08
CA ASP B 110 23.15 7.97 -7.11
C ASP B 110 21.91 8.82 -7.23
N LYS B 111 20.83 8.39 -6.59
CA LYS B 111 19.55 9.10 -6.66
C LYS B 111 19.35 10.05 -5.48
N VAL B 112 20.11 9.85 -4.41
CA VAL B 112 19.86 10.55 -3.16
C VAL B 112 21.11 11.28 -2.70
N THR B 113 20.95 12.52 -2.22
CA THR B 113 22.04 13.30 -1.63
C THR B 113 21.65 13.62 -0.19
N ILE B 114 22.46 13.17 0.77
CA ILE B 114 22.23 13.49 2.18
C ILE B 114 22.90 14.82 2.46
N LEU B 115 22.14 15.75 3.04
CA LEU B 115 22.63 17.05 3.44
C LEU B 115 22.73 17.02 4.95
N ASN B 116 23.95 17.12 5.46
CA ASN B 116 24.21 17.02 6.88
C ASN B 116 24.02 18.37 7.49
N GLY B 117 23.02 18.49 8.33
CA GLY B 117 22.77 19.69 9.07
C GLY B 117 21.30 19.84 9.39
N ALA B 118 20.96 20.94 10.06
CA ALA B 118 19.59 21.24 10.44
C ALA B 118 18.90 22.01 9.32
N SER B 119 17.64 21.63 9.06
CA SER B 119 16.81 22.24 8.02
C SER B 119 16.81 23.77 8.02
N GLN B 120 16.74 24.38 9.20
CA GLN B 120 16.72 25.85 9.26
C GLN B 120 18.05 26.47 8.77
N ASP B 121 19.14 25.71 8.86
CA ASP B 121 20.41 26.21 8.35
C ASP B 121 20.60 25.88 6.86
N LEU B 122 20.13 24.71 6.44
CA LEU B 122 20.36 24.23 5.07
C LEU B 122 19.37 24.79 4.05
N ILE B 123 18.12 24.97 4.47
CA ILE B 123 17.10 25.47 3.53
C ILE B 123 17.50 26.77 2.81
N PRO B 124 17.97 27.80 3.53
CA PRO B 124 18.43 29.03 2.89
C PRO B 124 19.65 28.91 1.94
N GLN B 125 20.34 27.77 1.98
CA GLN B 125 21.44 27.49 1.08
C GLN B 125 21.04 26.73 -0.17
N LEU B 126 19.79 26.27 -0.26
CA LEU B 126 19.43 25.32 -1.34
C LEU B 126 19.61 25.88 -2.75
N LYS B 127 19.09 27.08 -3.00
CA LYS B 127 19.18 27.65 -4.33
C LYS B 127 20.65 27.80 -4.80
N LYS B 128 21.48 28.43 -3.98
CA LYS B 128 22.91 28.65 -4.31
C LYS B 128 23.80 27.39 -4.25
N LYS B 129 23.80 26.67 -3.13
CA LYS B 129 24.72 25.54 -3.00
C LYS B 129 24.31 24.27 -3.73
N TYR B 130 23.01 23.98 -3.78
CA TYR B 130 22.57 22.71 -4.31
C TYR B 130 21.80 22.91 -5.63
N ASP B 131 21.87 24.11 -6.18
CA ASP B 131 21.36 24.39 -7.52
C ASP B 131 19.84 24.15 -7.67
N VAL B 132 19.08 24.60 -6.70
CA VAL B 132 17.64 24.39 -6.75
C VAL B 132 17.00 25.68 -7.28
N ASP B 133 15.98 25.53 -8.13
CA ASP B 133 15.08 26.65 -8.42
C ASP B 133 13.87 26.52 -7.47
N THR B 134 12.98 25.58 -7.76
CA THR B 134 11.89 25.25 -6.85
C THR B 134 11.80 23.72 -6.69
N LEU B 135 11.17 23.33 -5.61
CA LEU B 135 11.00 21.92 -5.25
C LEU B 135 9.69 21.44 -5.84
N ASP B 136 9.67 20.21 -6.32
CA ASP B 136 8.41 19.59 -6.76
C ASP B 136 7.62 18.98 -5.62
N MET B 137 8.32 18.47 -4.61
CA MET B 137 7.70 17.82 -3.47
C MET B 137 8.59 17.92 -2.24
N VAL B 138 7.97 18.05 -1.08
CA VAL B 138 8.65 18.08 0.20
C VAL B 138 7.98 17.06 1.10
N PHE B 139 8.76 16.16 1.69
CA PHE B 139 8.24 15.22 2.67
C PHE B 139 8.75 15.65 4.04
N LEU B 140 7.82 15.93 4.97
CA LEU B 140 8.13 16.35 6.32
C LEU B 140 7.99 15.19 7.29
N ASP B 141 9.09 14.85 7.96
CA ASP B 141 9.07 13.77 8.95
C ASP B 141 10.16 13.95 9.99
N HIS B 142 10.43 15.21 10.32
CA HIS B 142 11.45 15.54 11.28
C HIS B 142 10.73 15.98 12.57
N TRP B 143 11.36 16.81 13.40
CA TRP B 143 10.73 17.20 14.66
C TRP B 143 9.40 17.93 14.40
N LYS B 144 8.35 17.47 15.08
CA LYS B 144 7.00 17.90 14.74
C LYS B 144 6.76 19.37 14.98
N ASP B 145 7.40 19.93 15.98
CA ASP B 145 7.27 21.36 16.24
C ASP B 145 8.00 22.24 15.23
N ARG B 146 8.73 21.61 14.30
CA ARG B 146 9.42 22.36 13.25
CA ARG B 146 9.42 22.36 13.25
C ARG B 146 8.72 22.27 11.89
N TYR B 147 7.62 21.52 11.78
CA TYR B 147 6.95 21.47 10.47
C TYR B 147 6.47 22.85 10.03
N LEU B 148 5.79 23.58 10.93
CA LEU B 148 5.29 24.89 10.57
C LEU B 148 6.42 25.89 10.29
N PRO B 149 7.38 26.06 11.22
CA PRO B 149 8.51 26.98 10.95
C PRO B 149 9.22 26.68 9.63
N ASP B 150 9.47 25.40 9.34
CA ASP B 150 10.18 25.06 8.09
C ASP B 150 9.34 25.27 6.83
N THR B 151 8.02 25.11 6.92
CA THR B 151 7.15 25.43 5.80
C THR B 151 7.19 26.92 5.48
N LEU B 152 7.17 27.74 6.53
CA LEU B 152 7.24 29.19 6.38
C LEU B 152 8.57 29.59 5.82
N LEU B 153 9.64 28.91 6.24
CA LEU B 153 10.99 29.13 5.71
C LEU B 153 11.06 28.79 4.24
N LEU B 154 10.51 27.64 3.86
CA LEU B 154 10.49 27.27 2.44
C LEU B 154 9.77 28.32 1.59
N GLU B 155 8.64 28.85 2.05
CA GLU B 155 7.92 29.93 1.34
C GLU B 155 8.78 31.19 1.24
N LYS B 156 9.37 31.58 2.37
CA LYS B 156 10.25 32.75 2.48
C LYS B 156 11.41 32.67 1.50
N CYS B 157 11.99 31.48 1.35
CA CYS B 157 13.16 31.32 0.51
C CYS B 157 12.79 31.15 -0.98
N GLY B 158 11.51 31.13 -1.29
CA GLY B 158 11.03 31.04 -2.67
C GLY B 158 11.19 29.65 -3.29
N LEU B 159 11.13 28.61 -2.46
CA LEU B 159 11.41 27.26 -2.88
C LEU B 159 10.15 26.51 -3.29
N LEU B 160 8.99 27.10 -3.08
CA LEU B 160 7.75 26.47 -3.46
C LEU B 160 7.18 27.17 -4.70
N ARG B 161 6.63 26.40 -5.61
CA ARG B 161 5.89 26.95 -6.76
C ARG B 161 4.45 26.50 -6.69
N LYS B 162 3.59 27.10 -7.50
CA LYS B 162 2.25 26.57 -7.66
C LYS B 162 2.33 25.09 -8.04
N GLY B 163 1.69 24.24 -7.25
CA GLY B 163 1.71 22.79 -7.47
C GLY B 163 2.74 22.01 -6.67
N THR B 164 3.65 22.68 -5.97
CA THR B 164 4.59 21.94 -5.11
C THR B 164 3.79 21.16 -4.09
N VAL B 165 4.10 19.87 -3.94
CA VAL B 165 3.34 19.00 -3.03
C VAL B 165 4.09 18.84 -1.71
N LEU B 166 3.51 19.30 -0.60
CA LEU B 166 3.98 18.95 0.75
C LEU B 166 3.24 17.70 1.22
N LEU B 167 3.98 16.73 1.73
CA LEU B 167 3.42 15.53 2.32
C LEU B 167 4.01 15.38 3.70
N ALA B 168 3.17 15.37 4.72
CA ALA B 168 3.61 15.39 6.13
C ALA B 168 3.19 14.14 6.88
N ASP B 169 4.16 13.48 7.50
CA ASP B 169 3.86 12.34 8.35
C ASP B 169 3.41 12.80 9.74
N ASN B 170 2.68 11.92 10.44
CA ASN B 170 2.38 12.08 11.88
C ASN B 170 1.53 13.27 12.25
N VAL B 171 0.66 13.69 11.35
CA VAL B 171 -0.12 14.87 11.59
C VAL B 171 -1.17 14.60 12.66
N ILE B 172 -1.47 13.31 12.93
CA ILE B 172 -2.37 12.92 14.04
C ILE B 172 -1.61 12.40 15.27
N VAL B 173 -0.64 11.53 15.06
CA VAL B 173 0.16 10.96 16.14
C VAL B 173 1.61 10.92 15.69
N PRO B 174 2.52 11.60 16.42
CA PRO B 174 2.24 12.40 17.64
C PRO B 174 1.37 13.62 17.44
N GLY B 175 1.23 14.07 16.19
CA GLY B 175 0.35 15.18 15.84
C GLY B 175 1.14 16.44 15.50
N THR B 176 0.66 17.19 14.51
CA THR B 176 1.23 18.48 14.14
C THR B 176 0.10 19.50 14.02
N PRO B 177 -0.54 19.82 15.15
CA PRO B 177 -1.72 20.66 15.10
C PRO B 177 -1.45 22.06 14.54
N ASP B 178 -0.30 22.67 14.82
CA ASP B 178 -0.04 24.01 14.29
C ASP B 178 0.14 23.99 12.78
N PHE B 179 0.86 22.99 12.30
CA PHE B 179 1.05 22.83 10.86
C PHE B 179 -0.28 22.64 10.16
N LEU B 180 -1.13 21.76 10.70
CA LEU B 180 -2.42 21.53 10.12
C LEU B 180 -3.30 22.80 10.12
N ALA B 181 -3.33 23.52 11.25
CA ALA B 181 -4.10 24.74 11.34
C ALA B 181 -3.66 25.72 10.25
N TYR B 182 -2.34 25.79 10.01
CA TYR B 182 -1.81 26.67 8.99
C TYR B 182 -2.14 26.26 7.57
N VAL B 183 -1.82 25.04 7.16
CA VAL B 183 -2.02 24.65 5.78
C VAL B 183 -3.51 24.58 5.44
N ARG B 184 -4.33 24.16 6.39
CA ARG B 184 -5.77 24.08 6.13
C ARG B 184 -6.39 25.47 6.09
N GLY B 185 -6.00 26.33 7.02
CA GLY B 185 -6.55 27.68 7.13
C GLY B 185 -6.09 28.61 6.06
N SER B 186 -4.87 28.38 5.58
CA SER B 186 -4.26 29.31 4.64
C SER B 186 -4.81 29.10 3.23
N SER B 187 -5.08 30.20 2.53
CA SER B 187 -5.51 30.14 1.14
C SER B 187 -4.33 29.72 0.24
N SER B 188 -3.12 29.72 0.80
CA SER B 188 -1.93 29.32 0.02
C SER B 188 -1.78 27.79 -0.21
N PHE B 189 -2.66 26.97 0.39
CA PHE B 189 -2.51 25.50 0.30
C PHE B 189 -3.87 24.86 0.09
N GLU B 190 -3.92 23.84 -0.76
CA GLU B 190 -5.08 22.94 -0.85
C GLU B 190 -4.70 21.60 -0.25
N CYS B 191 -5.48 21.16 0.73
CA CYS B 191 -5.13 20.01 1.55
C CYS B 191 -6.03 18.80 1.38
N THR B 192 -5.40 17.64 1.51
CA THR B 192 -6.07 16.36 1.51
C THR B 192 -5.52 15.55 2.69
N HIS B 193 -6.42 14.92 3.43
CA HIS B 193 -5.99 14.05 4.52
C HIS B 193 -6.08 12.58 4.14
N TYR B 194 -5.05 11.82 4.53
CA TYR B 194 -4.98 10.36 4.31
C TYR B 194 -4.86 9.67 5.65
N SER B 195 -5.96 9.02 6.08
CA SER B 195 -6.02 8.37 7.37
C SER B 195 -5.36 7.00 7.26
N SER B 196 -4.49 6.66 8.21
CA SER B 196 -3.83 5.39 8.16
C SER B 196 -3.58 4.93 9.58
N TYR B 197 -2.42 4.33 9.81
CA TYR B 197 -2.07 3.82 11.12
C TYR B 197 -0.64 4.18 11.45
N LEU B 198 -0.40 4.43 12.73
CA LEU B 198 0.97 4.64 13.25
C LEU B 198 1.81 3.41 12.90
N GLU B 199 3.04 3.62 12.43
CA GLU B 199 3.90 2.54 11.99
C GLU B 199 3.90 1.36 12.99
N TYR B 200 3.60 0.18 12.43
CA TYR B 200 3.71 -1.10 13.12
C TYR B 200 2.68 -1.28 14.20
N MET B 201 1.68 -0.42 14.21
CA MET B 201 0.64 -0.46 15.22
C MET B 201 -0.72 -0.17 14.60
N LYS B 202 -1.75 -0.17 15.42
CA LYS B 202 -3.08 0.09 14.95
C LYS B 202 -3.65 1.37 15.59
N VAL B 203 -2.81 2.10 16.34
CA VAL B 203 -3.12 3.49 16.71
C VAL B 203 -3.31 4.26 15.40
N VAL B 204 -4.40 5.02 15.29
CA VAL B 204 -4.66 5.83 14.12
C VAL B 204 -3.67 7.01 13.95
N ASP B 205 -3.14 7.14 12.73
CA ASP B 205 -2.33 8.28 12.35
C ASP B 205 -2.66 8.62 10.92
N GLY B 206 -2.12 9.71 10.41
CA GLY B 206 -2.41 10.11 9.05
C GLY B 206 -1.34 10.99 8.47
N LEU B 207 -1.39 11.14 7.16
CA LEU B 207 -0.56 12.09 6.43
C LEU B 207 -1.43 13.21 5.89
N GLU B 208 -0.86 14.40 5.78
CA GLU B 208 -1.56 15.50 5.13
C GLU B 208 -0.78 15.81 3.86
N LYS B 209 -1.49 15.85 2.74
CA LYS B 209 -0.99 16.42 1.50
C LYS B 209 -1.49 17.89 1.40
N ALA B 210 -0.54 18.83 1.30
CA ALA B 210 -0.81 20.27 1.19
C ALA B 210 -0.14 20.77 -0.08
N ILE B 211 -0.94 21.17 -1.07
CA ILE B 211 -0.43 21.60 -2.36
C ILE B 211 -0.37 23.12 -2.42
N TYR B 212 0.84 23.65 -2.56
CA TYR B 212 1.05 25.08 -2.55
C TYR B 212 0.40 25.71 -3.78
N GLN B 213 -0.26 26.84 -3.56
CA GLN B 213 -1.05 27.47 -4.63
C GLN B 213 -0.42 28.71 -5.23
N GLY B 214 0.73 29.13 -4.69
CA GLY B 214 1.26 30.50 -4.91
C GLY B 214 0.78 31.41 -3.78
N PRO B 215 1.39 32.60 -3.63
CA PRO B 215 1.02 33.54 -2.52
C PRO B 215 -0.37 34.21 -2.67
F30 619 C . -6.17 -24.78 8.77
C29 619 C . -6.69 -24.03 7.75
C26 619 C . -8.04 -24.17 7.42
C25 619 C . -8.58 -23.38 6.40
C28 619 C . -5.84 -23.10 7.14
C27 619 C . -6.39 -22.30 6.12
C24 619 C . -7.75 -22.45 5.73
C22 619 C . -8.25 -21.58 4.66
C21 619 C . -9.16 -22.05 3.71
C23 619 C . -7.75 -20.29 4.54
C33 619 C . -8.22 -19.46 3.51
O34 619 C . -7.78 -18.18 3.36
C31 619 C . -9.10 -19.94 2.56
O32 619 C . -9.50 -19.13 1.53
C20 619 C . -9.58 -21.25 2.67
C18 619 C . -10.54 -21.86 1.75
O19 619 C . -10.75 -23.08 1.76
N17 619 C . -11.24 -21.03 0.92
C16 619 C . -12.19 -21.58 -0.06
C15 619 C . -13.16 -20.47 -0.42
C14 619 C . -14.46 -20.65 -0.62
C6 619 C . -15.41 -19.54 -0.99
C4 619 C . -16.82 -19.85 -0.45
O5 619 C . -17.56 -18.64 -0.37
C2 619 C . -17.35 -20.82 -1.54
O3 619 C . -18.77 -20.88 -1.61
O13 619 C . -15.55 -19.53 -2.44
C1 619 C . -16.85 -20.12 -2.78
N10 619 C . -16.51 -20.95 -3.95
C9 619 C . -15.67 -22.11 -3.98
C11 619 C . -16.81 -20.69 -5.28
N40 619 C . -17.54 -19.70 -5.78
C39 619 C . -17.65 -19.70 -7.11
N38 619 C . -17.09 -20.63 -7.92
C35 619 C . -16.35 -21.60 -7.41
C12 619 C . -16.19 -21.67 -6.01
N8 619 C . -15.50 -22.55 -5.20
N7 619 C . -15.81 -22.51 -8.35
C36 619 C . -15.15 -23.80 -7.97
C37 619 C . -16.23 -24.88 -7.86
MG MG D . -8.20 -17.47 1.43
CL CL E . -4.63 -10.90 9.92
CL CL F . -1.19 -2.45 -18.02
C1 BTB G . -6.87 -16.87 17.26
O1 BTB G . -6.63 -17.78 18.35
C2 BTB G . -8.21 -17.17 16.59
C3 BTB G . -8.13 -18.57 16.01
O3 BTB G . -8.22 -19.55 17.05
C4 BTB G . -8.37 -16.11 15.48
O4 BTB G . -9.62 -16.28 14.81
N BTB G . -9.29 -17.10 17.65
C5 BTB G . -9.52 -15.77 18.28
C6 BTB G . -8.93 -15.67 19.70
O6 BTB G . -9.60 -16.49 20.63
C7 BTB G . -10.60 -17.70 17.27
C8 BTB G . -11.25 -18.33 18.50
O8 BTB G . -10.48 -19.44 18.96
F30 619 H . 4.83 6.74 21.17
C29 619 H . 5.32 7.26 20.00
C26 619 H . 6.69 7.58 19.96
C25 619 H . 7.17 8.15 18.79
C28 619 H . 4.47 7.43 18.94
C27 619 H . 4.96 7.99 17.76
C24 619 H . 6.31 8.35 17.68
C22 619 H . 6.83 8.93 16.43
C21 619 H . 7.75 10.00 16.50
C23 619 H . 6.45 8.40 15.17
C33 619 H . 7.01 8.98 14.05
O34 619 H . 6.69 8.50 12.80
C31 619 H . 7.90 10.04 14.11
O32 619 H . 8.38 10.55 12.92
C20 619 H . 8.29 10.58 15.35
C18 619 H . 9.24 11.69 15.53
O19 619 H . 9.42 12.24 16.62
N17 619 H . 10.13 11.91 14.50
C16 619 H . 11.10 13.00 14.61
C15 619 H . 12.09 12.78 13.51
C14 619 H . 13.39 12.94 13.69
C6 619 H . 14.40 12.71 12.56
C4 619 H . 15.73 12.23 13.18
O5 619 H . 16.51 11.53 12.21
C2 619 H . 16.32 13.58 13.61
O3 619 H . 17.74 13.55 13.78
O13 619 H . 14.75 13.95 11.88
C1 619 H . 16.01 14.44 12.37
N10 619 H . 15.73 15.88 12.57
C9 619 H . 14.90 16.54 13.52
C11 619 H . 16.16 16.89 11.72
N40 619 H . 16.97 16.75 10.66
C39 619 H . 17.22 17.88 10.01
N38 619 H . 16.75 19.07 10.37
C35 619 H . 15.95 19.19 11.44
C12 619 H . 15.62 18.04 12.18
N8 619 H . 14.84 17.83 13.33
N7 619 H . 15.53 20.48 11.76
C36 619 H . 14.69 20.78 12.97
C37 619 H . 15.65 21.08 14.11
MG MG I . 7.23 9.89 11.33
CL CL J . 14.33 12.50 17.01
#